data_4NL0
#
_entry.id   4NL0
#
_cell.length_a   51.500
_cell.length_b   90.030
_cell.length_c   123.720
_cell.angle_alpha   90.00
_cell.angle_beta   90.00
_cell.angle_gamma   90.00
#
_symmetry.space_group_name_H-M   'P 21 21 21'
#
loop_
_entity.id
_entity.type
_entity.pdbx_description
1 polymer 'Protein kinase, putative'
2 non-polymer 'ZINC ION'
3 non-polymer "ADENOSINE-5'-DIPHOSPHATE"
4 water water
#
_entity_poly.entity_id   1
_entity_poly.type   'polypeptide(L)'
_entity_poly.pdbx_seq_one_letter_code
;MSRDMMVDPLLSEKEPQYQTQVSGYIITVPNETTQIRKFLASNQRINQFLFQHSTFRVELAPFAKGGERLAFRAINGRGD
RIVLKRFFQQRPLTMLLETIERQLICIYLANIFNKLNVSPNKLHFLPNYLFIPSPTKDLDGKILTLEQTEQAVAATCRTP
NFVEPYLSGYFIKYIDNNGWINESEFHSTLHAFAHWTWVHTKGALLICDIQGVNANNKFYLTDPALHHIDQNKFIYSETN
LGEVGISQFFRTHQCNAICQGLHLPKHKEQVLPD(TPO)TKG(TPO)TLEHHHHHH
;
_entity_poly.pdbx_strand_id   A,B
#
loop_
_chem_comp.id
_chem_comp.type
_chem_comp.name
_chem_comp.formula
ADP non-polymer ADENOSINE-5'-DIPHOSPHATE 'C10 H15 N5 O10 P2'
ZN non-polymer 'ZINC ION' 'Zn 2'
#
# COMPACT_ATOMS: atom_id res chain seq x y z
N TYR A 18 -7.87 -18.57 -21.89
CA TYR A 18 -6.59 -18.39 -22.65
C TYR A 18 -5.94 -17.05 -22.34
N GLN A 19 -4.60 -17.07 -22.28
CA GLN A 19 -3.80 -15.85 -22.11
C GLN A 19 -2.42 -15.89 -22.71
N THR A 20 -1.97 -14.73 -23.17
CA THR A 20 -0.70 -14.59 -23.86
C THR A 20 0.07 -13.36 -23.35
N GLN A 21 1.24 -13.09 -23.92
CA GLN A 21 2.09 -12.01 -23.46
C GLN A 21 1.86 -10.81 -24.33
N VAL A 22 1.82 -9.64 -23.73
CA VAL A 22 1.90 -8.45 -24.55
C VAL A 22 3.02 -7.61 -24.00
N SER A 23 3.87 -7.13 -24.89
CA SER A 23 4.98 -6.25 -24.52
C SER A 23 4.84 -4.92 -25.15
N GLY A 24 5.26 -3.89 -24.43
CA GLY A 24 5.21 -2.55 -25.00
C GLY A 24 5.46 -1.51 -23.96
N TYR A 25 4.81 -0.38 -24.12
CA TYR A 25 5.08 0.72 -23.28
C TYR A 25 3.87 1.13 -22.45
N ILE A 26 4.09 1.32 -21.18
CA ILE A 26 3.20 2.01 -20.29
C ILE A 26 3.53 3.49 -20.53
N ILE A 27 2.54 4.33 -20.65
CA ILE A 27 2.81 5.73 -20.80
C ILE A 27 2.13 6.42 -19.64
N THR A 28 2.91 7.21 -18.91
CA THR A 28 2.43 8.03 -17.82
C THR A 28 2.88 9.49 -18.00
N VAL A 29 2.51 10.34 -17.05
CA VAL A 29 3.01 11.70 -17.01
C VAL A 29 4.13 11.82 -15.98
N PRO A 30 5.35 12.19 -16.42
CA PRO A 30 6.40 12.36 -15.40
C PRO A 30 6.13 13.58 -14.51
N ASN A 31 6.56 13.54 -13.25
CA ASN A 31 6.35 14.68 -12.29
C ASN A 31 4.90 15.12 -12.29
N GLU A 32 4.00 14.19 -11.99
CA GLU A 32 2.59 14.49 -12.20
C GLU A 32 2.11 15.67 -11.38
N THR A 33 2.45 15.68 -10.07
CA THR A 33 2.10 16.79 -9.18
C THR A 33 2.43 18.13 -9.80
N THR A 34 3.65 18.29 -10.27
CA THR A 34 4.04 19.58 -10.88
C THR A 34 3.27 19.93 -12.15
N GLN A 35 3.07 18.92 -13.01
CA GLN A 35 2.45 19.14 -14.30
C GLN A 35 1.02 19.45 -14.02
N ILE A 36 0.36 18.71 -13.11
CA ILE A 36 -1.07 19.02 -12.82
C ILE A 36 -1.24 20.41 -12.22
N ARG A 37 -0.42 20.70 -11.20
CA ARG A 37 -0.36 22.04 -10.61
C ARG A 37 -0.11 23.03 -11.74
N LYS A 38 0.80 22.78 -12.66
CA LYS A 38 0.91 23.74 -13.79
C LYS A 38 -0.28 23.80 -14.74
N PHE A 39 -0.89 22.65 -14.99
CA PHE A 39 -2.03 22.57 -15.89
C PHE A 39 -3.18 23.35 -15.29
N LEU A 40 -3.27 23.32 -13.96
CA LEU A 40 -4.41 23.93 -13.25
C LEU A 40 -4.22 25.46 -13.17
N ALA A 41 -3.03 25.90 -12.76
CA ALA A 41 -2.72 27.34 -12.61
C ALA A 41 -2.68 28.17 -13.91
N SER A 42 -2.05 27.66 -14.96
CA SER A 42 -1.90 28.42 -16.23
C SER A 42 -2.97 27.83 -17.08
N ASN A 43 -3.06 28.16 -18.36
CA ASN A 43 -3.89 27.27 -19.13
C ASN A 43 -3.17 26.48 -20.22
N GLN A 44 -2.29 25.54 -19.83
CA GLN A 44 -1.46 24.82 -20.80
C GLN A 44 -1.36 23.29 -20.61
N ARG A 45 -1.77 22.57 -21.65
CA ARG A 45 -1.95 21.14 -21.57
C ARG A 45 -0.66 20.39 -21.28
N ILE A 46 -0.79 19.14 -20.87
CA ILE A 46 0.36 18.34 -20.63
C ILE A 46 1.06 18.04 -21.95
N ASN A 47 2.37 18.19 -21.98
CA ASN A 47 3.13 18.03 -23.16
C ASN A 47 4.33 17.19 -22.85
N GLN A 48 4.15 16.25 -21.92
CA GLN A 48 5.25 15.44 -21.45
C GLN A 48 4.79 14.06 -20.97
N PHE A 49 5.32 13.00 -21.62
CA PHE A 49 4.83 11.66 -21.40
C PHE A 49 5.99 10.67 -21.25
N LEU A 50 6.02 9.90 -20.17
CA LEU A 50 7.13 9.00 -19.96
C LEU A 50 6.70 7.62 -20.46
N PHE A 51 7.62 6.95 -21.18
CA PHE A 51 7.43 5.59 -21.69
C PHE A 51 8.29 4.66 -20.87
N GLN A 52 7.67 3.57 -20.46
CA GLN A 52 8.35 2.53 -19.74
C GLN A 52 8.03 1.17 -20.32
N HIS A 53 9.06 0.50 -20.75
CA HIS A 53 8.84 -0.76 -21.34
C HIS A 53 8.23 -1.71 -20.35
N SER A 54 7.27 -2.49 -20.83
CA SER A 54 6.54 -3.35 -19.90
C SER A 54 5.93 -4.62 -20.52
N THR A 55 5.67 -5.62 -19.68
CA THR A 55 5.17 -6.89 -20.17
C THR A 55 4.19 -7.50 -19.23
N PHE A 56 2.95 -7.63 -19.69
CA PHE A 56 1.89 -8.32 -18.94
C PHE A 56 1.37 -9.60 -19.60
N ARG A 57 0.73 -10.42 -18.77
CA ARG A 57 -0.02 -11.56 -19.27
C ARG A 57 -1.46 -11.08 -19.33
N VAL A 58 -2.10 -11.25 -20.48
CA VAL A 58 -3.48 -10.80 -20.67
C VAL A 58 -4.36 -11.98 -21.09
N GLU A 59 -5.57 -12.04 -20.55
CA GLU A 59 -6.56 -12.96 -21.09
C GLU A 59 -6.98 -12.65 -22.49
N LEU A 60 -7.36 -13.70 -23.20
CA LEU A 60 -7.88 -13.54 -24.56
C LEU A 60 -9.34 -13.07 -24.59
N ALA A 61 -10.16 -13.64 -23.71
CA ALA A 61 -11.56 -13.26 -23.62
C ALA A 61 -11.76 -12.11 -22.59
N PRO A 62 -12.46 -11.04 -23.01
CA PRO A 62 -12.83 -9.95 -22.13
C PRO A 62 -13.84 -10.48 -21.11
N PHE A 63 -13.74 -10.07 -19.86
CA PHE A 63 -14.70 -10.53 -18.86
C PHE A 63 -15.87 -9.52 -18.69
N ALA A 64 -15.83 -8.37 -19.36
CA ALA A 64 -16.87 -7.34 -19.24
C ALA A 64 -16.77 -6.32 -20.37
N LYS A 65 -17.91 -5.73 -20.68
CA LYS A 65 -17.97 -4.58 -21.57
C LYS A 65 -18.80 -3.50 -20.93
N GLY A 66 -18.52 -2.26 -21.33
CA GLY A 66 -19.35 -1.15 -20.93
C GLY A 66 -19.85 -0.52 -22.21
N GLY A 67 -20.36 0.70 -22.11
CA GLY A 67 -20.81 1.41 -23.29
C GLY A 67 -19.73 1.61 -24.36
N GLU A 68 -18.52 1.95 -23.94
CA GLU A 68 -17.48 2.45 -24.87
C GLU A 68 -16.30 1.45 -25.12
N ARG A 69 -16.05 0.58 -24.14
CA ARG A 69 -14.90 -0.32 -24.24
C ARG A 69 -15.07 -1.71 -23.60
N LEU A 70 -14.14 -2.57 -24.00
CA LEU A 70 -14.03 -3.94 -23.59
C LEU A 70 -12.98 -4.08 -22.48
N ALA A 71 -13.20 -5.01 -21.55
CA ALA A 71 -12.32 -5.16 -20.38
C ALA A 71 -11.68 -6.55 -20.22
N PHE A 72 -10.34 -6.58 -20.19
CA PHE A 72 -9.62 -7.83 -20.10
C PHE A 72 -8.88 -7.94 -18.78
N ARG A 73 -8.90 -9.11 -18.16
CA ARG A 73 -8.05 -9.31 -16.98
C ARG A 73 -6.58 -9.49 -17.43
N ALA A 74 -5.65 -8.89 -16.68
CA ALA A 74 -4.24 -9.07 -16.89
C ALA A 74 -3.44 -9.04 -15.58
N ILE A 75 -2.19 -9.55 -15.62
CA ILE A 75 -1.20 -9.52 -14.54
C ILE A 75 0.01 -8.76 -15.05
N ASN A 76 0.52 -7.78 -14.28
CA ASN A 76 1.56 -6.89 -14.81
C ASN A 76 3.04 -7.23 -14.57
N GLY A 77 3.36 -8.37 -13.99
CA GLY A 77 4.79 -8.62 -13.97
C GLY A 77 5.33 -8.41 -12.59
N ARG A 78 4.97 -7.32 -11.94
CA ARG A 78 5.04 -7.34 -10.47
C ARG A 78 3.97 -8.30 -9.86
N GLY A 79 3.11 -8.89 -10.69
CA GLY A 79 2.10 -9.85 -10.19
C GLY A 79 0.77 -9.21 -9.79
N ASP A 80 0.68 -7.89 -9.85
CA ASP A 80 -0.56 -7.15 -9.61
C ASP A 80 -1.68 -7.53 -10.60
N ARG A 81 -2.90 -7.56 -10.09
CA ARG A 81 -4.08 -7.71 -10.96
C ARG A 81 -4.45 -6.37 -11.55
N ILE A 82 -4.47 -6.33 -12.88
CA ILE A 82 -4.86 -5.12 -13.57
C ILE A 82 -5.96 -5.42 -14.59
N VAL A 83 -6.48 -4.36 -15.17
CA VAL A 83 -7.52 -4.45 -16.19
C VAL A 83 -7.01 -3.70 -17.37
N LEU A 84 -7.07 -4.36 -18.51
CA LEU A 84 -6.77 -3.67 -19.74
C LEU A 84 -8.03 -3.36 -20.49
N LYS A 85 -8.17 -2.11 -20.87
CA LYS A 85 -9.34 -1.70 -21.59
C LYS A 85 -9.05 -1.21 -22.99
N ARG A 86 -9.74 -1.81 -23.96
CA ARG A 86 -9.64 -1.39 -25.36
C ARG A 86 -10.99 -0.94 -25.93
N PHE A 87 -10.92 0.15 -26.67
CA PHE A 87 -12.10 0.81 -27.15
C PHE A 87 -12.74 0.06 -28.31
N PHE A 88 -14.06 0.19 -28.49
CA PHE A 88 -14.75 -0.51 -29.63
C PHE A 88 -14.17 -0.15 -31.01
N GLN A 89 -13.89 1.12 -31.25
CA GLN A 89 -13.30 1.52 -32.52
C GLN A 89 -12.29 2.63 -32.22
N GLN A 90 -11.50 3.00 -33.22
CA GLN A 90 -10.47 4.01 -32.99
C GLN A 90 -11.03 5.31 -32.37
N ARG A 91 -10.29 5.82 -31.40
CA ARG A 91 -10.49 7.17 -30.83
C ARG A 91 -9.12 7.80 -30.89
N PRO A 92 -9.06 9.11 -31.15
CA PRO A 92 -7.73 9.72 -31.28
C PRO A 92 -7.09 9.96 -29.92
N LEU A 93 -5.78 9.87 -29.90
CA LEU A 93 -5.02 10.02 -28.70
C LEU A 93 -5.54 11.14 -27.75
N THR A 94 -5.70 12.37 -28.27
CA THR A 94 -6.08 13.54 -27.42
C THR A 94 -7.39 13.32 -26.60
N MET A 95 -8.27 12.47 -27.13
CA MET A 95 -9.42 12.07 -26.36
C MET A 95 -9.10 11.14 -25.22
N LEU A 96 -8.31 10.11 -25.51
CA LEU A 96 -7.89 9.22 -24.45
C LEU A 96 -7.14 10.03 -23.37
N LEU A 97 -6.32 11.00 -23.79
CA LEU A 97 -5.53 11.85 -22.92
C LEU A 97 -6.35 12.70 -21.94
N GLU A 98 -7.52 13.12 -22.40
CA GLU A 98 -8.47 13.77 -21.50
C GLU A 98 -8.88 12.93 -20.32
N THR A 99 -9.11 11.63 -20.54
CA THR A 99 -9.46 10.78 -19.43
C THR A 99 -8.32 10.72 -18.48
N ILE A 100 -7.10 10.62 -19.01
CA ILE A 100 -5.90 10.55 -18.17
C ILE A 100 -5.68 11.90 -17.45
N GLU A 101 -5.96 13.01 -18.10
CA GLU A 101 -5.65 14.28 -17.49
C GLU A 101 -6.65 14.47 -16.35
N ARG A 102 -7.89 14.09 -16.60
CA ARG A 102 -8.94 14.13 -15.57
C ARG A 102 -8.61 13.23 -14.38
N GLN A 103 -8.14 12.02 -14.66
CA GLN A 103 -7.80 11.15 -13.55
C GLN A 103 -6.69 11.74 -12.70
N LEU A 104 -5.70 12.36 -13.34
CA LEU A 104 -4.55 12.90 -12.62
C LEU A 104 -4.91 14.16 -11.85
N ILE A 105 -5.87 14.91 -12.33
CA ILE A 105 -6.43 15.98 -11.48
C ILE A 105 -7.09 15.42 -10.21
N CYS A 106 -7.84 14.31 -10.34
CA CYS A 106 -8.56 13.79 -9.21
C CYS A 106 -7.61 13.24 -8.15
N ILE A 107 -6.52 12.63 -8.64
CA ILE A 107 -5.56 12.02 -7.74
C ILE A 107 -4.82 13.14 -7.03
N TYR A 108 -4.48 14.18 -7.77
CA TYR A 108 -3.77 15.26 -7.21
C TYR A 108 -4.68 15.94 -6.16
N LEU A 109 -5.91 16.24 -6.53
CA LEU A 109 -6.84 16.81 -5.54
C LEU A 109 -7.04 15.89 -4.31
N ALA A 110 -7.31 14.61 -4.55
CA ALA A 110 -7.51 13.69 -3.43
C ALA A 110 -6.27 13.60 -2.49
N ASN A 111 -5.06 13.61 -3.03
CA ASN A 111 -3.86 13.48 -2.19
C ASN A 111 -3.80 14.66 -1.28
N ILE A 112 -4.06 15.86 -1.83
CA ILE A 112 -4.03 17.06 -1.01
C ILE A 112 -5.11 16.99 0.08
N PHE A 113 -6.28 16.53 -0.33
CA PHE A 113 -7.36 16.55 0.55
C PHE A 113 -7.14 15.58 1.72
N ASN A 114 -6.67 14.41 1.40
CA ASN A 114 -6.30 13.43 2.41
C ASN A 114 -5.32 13.99 3.38
N LYS A 115 -4.40 14.80 2.89
CA LYS A 115 -3.27 15.30 3.69
C LYS A 115 -3.78 16.35 4.63
N LEU A 116 -4.93 16.93 4.33
CA LEU A 116 -5.60 17.80 5.30
C LEU A 116 -5.97 17.11 6.62
N ASN A 117 -6.12 15.79 6.56
CA ASN A 117 -6.45 14.99 7.71
C ASN A 117 -7.69 15.50 8.45
N VAL A 118 -8.69 15.92 7.68
CA VAL A 118 -9.97 16.25 8.27
C VAL A 118 -10.86 15.04 8.44
N SER A 119 -10.49 13.89 7.90
CA SER A 119 -11.38 12.76 7.95
C SER A 119 -10.61 11.45 8.13
N PRO A 120 -11.19 10.52 8.87
CA PRO A 120 -10.56 9.17 9.03
C PRO A 120 -10.64 8.35 7.72
N ASN A 121 -11.50 8.78 6.80
CA ASN A 121 -11.62 8.16 5.48
C ASN A 121 -10.68 8.76 4.46
N LYS A 122 -10.01 7.93 3.69
CA LYS A 122 -9.08 8.42 2.70
C LYS A 122 -9.60 8.17 1.27
N LEU A 123 -9.45 9.15 0.37
CA LEU A 123 -9.90 8.91 -1.01
C LEU A 123 -8.74 8.56 -1.94
N HIS A 124 -8.89 7.48 -2.72
CA HIS A 124 -7.93 7.08 -3.71
C HIS A 124 -8.63 6.82 -4.98
N PHE A 125 -8.39 7.67 -5.95
CA PHE A 125 -8.76 7.39 -7.33
C PHE A 125 -7.78 6.38 -7.88
N LEU A 126 -8.28 5.35 -8.55
CA LEU A 126 -7.39 4.43 -9.29
C LEU A 126 -6.48 5.11 -10.32
N PRO A 127 -5.18 4.84 -10.24
CA PRO A 127 -4.28 5.19 -11.35
C PRO A 127 -4.78 4.69 -12.72
N ASN A 128 -4.71 5.56 -13.71
CA ASN A 128 -4.96 5.18 -15.09
C ASN A 128 -3.66 5.43 -15.89
N TYR A 129 -3.26 4.48 -16.71
CA TYR A 129 -2.29 4.80 -17.74
C TYR A 129 -2.68 4.12 -19.02
N LEU A 130 -2.01 4.53 -20.08
CA LEU A 130 -2.12 3.97 -21.40
C LEU A 130 -1.03 2.90 -21.64
N PHE A 131 -1.37 1.93 -22.46
CA PHE A 131 -0.41 0.96 -22.88
C PHE A 131 -0.52 0.78 -24.34
N ILE A 132 0.65 0.68 -24.99
CA ILE A 132 0.76 0.33 -26.41
C ILE A 132 1.71 -0.85 -26.71
N PRO A 133 1.23 -1.82 -27.51
CA PRO A 133 2.08 -2.93 -27.80
C PRO A 133 3.27 -2.46 -28.64
N SER A 134 4.46 -3.03 -28.43
CA SER A 134 5.63 -2.66 -29.25
C SER A 134 6.59 -3.81 -29.37
N PRO A 135 7.20 -4.00 -30.56
CA PRO A 135 8.25 -5.04 -30.71
C PRO A 135 9.53 -4.63 -30.07
N THR A 136 9.62 -3.37 -29.69
CA THR A 136 10.89 -2.75 -29.48
C THR A 136 10.79 -2.00 -28.18
N LYS A 137 11.94 -1.83 -27.51
CA LYS A 137 12.04 -1.11 -26.23
C LYS A 137 12.94 0.13 -26.20
N ASP A 138 13.20 0.71 -27.36
CA ASP A 138 14.13 1.84 -27.40
C ASP A 138 13.65 3.18 -26.74
N LEU A 139 12.33 3.42 -26.69
CA LEU A 139 11.81 4.58 -25.91
C LEU A 139 11.77 4.39 -24.38
N ASP A 140 12.19 3.24 -23.89
CA ASP A 140 12.12 2.94 -22.47
C ASP A 140 12.80 4.01 -21.65
N GLY A 141 12.09 4.55 -20.67
CA GLY A 141 12.67 5.50 -19.72
C GLY A 141 12.75 6.92 -20.28
N LYS A 142 12.37 7.12 -21.54
CA LYS A 142 12.35 8.44 -22.19
C LYS A 142 11.04 9.24 -22.01
N ILE A 143 11.20 10.55 -21.97
CA ILE A 143 10.10 11.48 -21.92
C ILE A 143 9.89 12.06 -23.29
N LEU A 144 8.67 12.03 -23.78
CA LEU A 144 8.39 12.51 -25.11
C LEU A 144 7.36 13.61 -25.04
N THR A 145 7.30 14.42 -26.10
CA THR A 145 6.22 15.42 -26.22
C THR A 145 4.92 14.73 -26.63
N LEU A 146 3.85 15.50 -26.68
CA LEU A 146 2.59 15.06 -27.24
C LEU A 146 2.72 14.59 -28.69
N GLU A 147 3.31 15.40 -29.57
CA GLU A 147 3.51 15.01 -30.95
C GLU A 147 4.30 13.68 -31.05
N GLN A 148 5.41 13.59 -30.32
CA GLN A 148 6.21 12.38 -30.34
C GLN A 148 5.45 11.13 -29.86
N THR A 149 4.66 11.31 -28.81
CA THR A 149 3.73 10.30 -28.34
C THR A 149 2.70 9.87 -29.42
N GLU A 150 2.16 10.80 -30.20
CA GLU A 150 1.23 10.49 -31.30
C GLU A 150 1.94 9.62 -32.36
N GLN A 151 3.15 10.00 -32.74
CA GLN A 151 3.98 9.19 -33.69
C GLN A 151 4.28 7.81 -33.14
N ALA A 152 4.61 7.66 -31.85
CA ALA A 152 4.84 6.32 -31.30
C ALA A 152 3.52 5.55 -31.27
N VAL A 153 2.39 6.20 -31.03
CA VAL A 153 1.13 5.51 -31.08
C VAL A 153 0.79 5.09 -32.53
N ALA A 154 0.96 5.99 -33.47
CA ALA A 154 0.66 5.73 -34.83
C ALA A 154 1.56 4.71 -35.50
N ALA A 155 2.75 4.47 -34.97
CA ALA A 155 3.64 3.49 -35.50
C ALA A 155 3.11 2.12 -35.18
N THR A 156 2.21 2.09 -34.25
CA THR A 156 1.62 0.89 -33.80
C THR A 156 0.38 0.56 -34.58
N CYS A 157 -0.17 1.57 -35.25
CA CYS A 157 -1.53 1.64 -35.76
C CYS A 157 -2.59 0.96 -34.91
N ARG A 158 -2.55 1.16 -33.61
CA ARG A 158 -3.64 0.72 -32.78
C ARG A 158 -3.94 1.84 -31.86
N THR A 159 -5.20 2.02 -31.49
CA THR A 159 -5.62 2.78 -30.35
C THR A 159 -5.01 2.11 -29.13
N PRO A 160 -4.39 2.92 -28.24
CA PRO A 160 -3.82 2.49 -26.97
C PRO A 160 -4.89 1.93 -26.01
N ASN A 161 -4.52 1.04 -25.10
CA ASN A 161 -5.41 0.59 -24.06
C ASN A 161 -5.24 1.45 -22.83
N PHE A 162 -6.24 1.39 -21.93
CA PHE A 162 -6.17 1.96 -20.57
C PHE A 162 -5.81 0.79 -19.74
N VAL A 163 -5.15 1.06 -18.64
CA VAL A 163 -4.69 0.10 -17.69
C VAL A 163 -4.96 0.71 -16.36
N GLU A 164 -5.53 -0.10 -15.46
CA GLU A 164 -5.80 0.30 -14.10
C GLU A 164 -5.88 -0.91 -13.20
N PRO A 165 -5.64 -0.72 -11.90
CA PRO A 165 -5.65 -1.85 -11.02
C PRO A 165 -7.06 -2.45 -10.94
N TYR A 166 -7.09 -3.76 -10.77
CA TYR A 166 -8.34 -4.51 -10.64
C TYR A 166 -8.96 -4.06 -9.36
N LEU A 167 -10.24 -3.76 -9.44
CA LEU A 167 -10.98 -3.39 -8.24
C LEU A 167 -12.17 -4.34 -7.96
N SER A 168 -12.13 -5.02 -6.83
CA SER A 168 -13.26 -5.85 -6.39
C SER A 168 -13.95 -5.19 -5.22
N GLY A 169 -15.10 -5.74 -4.84
CA GLY A 169 -15.89 -5.14 -3.77
C GLY A 169 -17.21 -4.62 -4.27
N TYR A 170 -18.02 -4.12 -3.34
CA TYR A 170 -19.35 -3.66 -3.68
C TYR A 170 -19.26 -2.25 -4.17
N PHE A 171 -19.56 -2.10 -5.44
CA PHE A 171 -19.48 -0.83 -6.12
C PHE A 171 -20.75 0.02 -5.92
N ILE A 172 -20.58 1.31 -5.60
CA ILE A 172 -21.68 2.24 -5.32
C ILE A 172 -21.41 3.55 -6.01
N LYS A 173 -22.46 4.12 -6.63
CA LYS A 173 -22.38 5.48 -7.19
C LYS A 173 -22.88 6.46 -6.09
N TYR A 174 -22.01 7.34 -5.59
CA TYR A 174 -22.35 8.10 -4.40
C TYR A 174 -23.02 9.42 -4.70
N ILE A 175 -22.53 10.05 -5.78
CA ILE A 175 -22.87 11.44 -6.19
C ILE A 175 -22.77 11.33 -7.72
N ASP A 176 -23.79 11.69 -8.48
CA ASP A 176 -23.63 11.68 -9.96
C ASP A 176 -23.03 13.03 -10.47
N ASN A 177 -23.15 13.35 -11.75
CA ASN A 177 -22.54 14.58 -12.32
C ASN A 177 -23.62 15.59 -12.58
N ASN A 178 -24.72 15.51 -11.79
CA ASN A 178 -25.86 16.39 -12.05
C ASN A 178 -26.73 16.68 -10.81
N GLY A 179 -26.13 16.69 -9.63
CA GLY A 179 -26.86 17.13 -8.43
C GLY A 179 -27.52 16.03 -7.63
N TRP A 180 -27.54 14.81 -8.16
CA TRP A 180 -28.09 13.69 -7.41
C TRP A 180 -27.14 13.10 -6.38
N ILE A 181 -27.76 12.68 -5.29
CA ILE A 181 -27.07 12.25 -4.11
C ILE A 181 -27.60 10.87 -3.72
N ASN A 182 -26.71 9.91 -3.50
CA ASN A 182 -27.12 8.68 -2.87
C ASN A 182 -27.26 8.84 -1.33
N GLU A 183 -28.48 8.66 -0.88
CA GLU A 183 -28.88 9.09 0.43
C GLU A 183 -28.60 8.03 1.45
N SER A 184 -28.77 6.78 1.05
CA SER A 184 -28.61 5.69 2.03
C SER A 184 -27.15 5.27 2.20
N GLU A 185 -26.27 5.80 1.34
CA GLU A 185 -24.85 5.51 1.43
C GLU A 185 -24.03 6.81 1.56
N PHE A 186 -24.64 7.78 2.21
CA PHE A 186 -24.04 9.09 2.35
C PHE A 186 -22.77 9.06 3.17
N HIS A 187 -21.73 9.70 2.68
CA HIS A 187 -20.51 9.94 3.45
C HIS A 187 -20.16 11.37 3.34
N SER A 188 -20.05 12.03 4.49
CA SER A 188 -19.76 13.44 4.45
C SER A 188 -18.36 13.73 3.90
N THR A 189 -17.40 12.83 4.09
CA THR A 189 -16.08 13.05 3.50
C THR A 189 -16.18 13.29 1.93
N LEU A 190 -17.03 12.54 1.24
CA LEU A 190 -17.13 12.64 -0.22
C LEU A 190 -17.72 13.98 -0.64
N HIS A 191 -18.82 14.38 0.04
CA HIS A 191 -19.48 15.67 -0.20
C HIS A 191 -18.57 16.82 0.14
N ALA A 192 -17.85 16.80 1.26
CA ALA A 192 -16.93 17.88 1.53
C ALA A 192 -15.77 17.93 0.48
N PHE A 193 -15.30 16.74 0.07
CA PHE A 193 -14.32 16.64 -1.02
C PHE A 193 -14.83 17.35 -2.26
N ALA A 194 -16.05 17.02 -2.70
CA ALA A 194 -16.55 17.64 -3.96
C ALA A 194 -16.53 19.13 -3.79
N HIS A 195 -17.17 19.59 -2.71
CA HIS A 195 -17.23 21.04 -2.46
C HIS A 195 -15.83 21.66 -2.46
N TRP A 196 -14.89 21.00 -1.80
CA TRP A 196 -13.51 21.52 -1.66
C TRP A 196 -12.79 21.58 -2.97
N THR A 197 -13.04 20.60 -3.87
CA THR A 197 -12.37 20.69 -5.19
C THR A 197 -12.60 22.02 -5.92
N TRP A 198 -13.85 22.50 -5.83
CA TRP A 198 -14.22 23.80 -6.35
C TRP A 198 -13.58 24.99 -5.62
N VAL A 199 -13.47 24.89 -4.30
CA VAL A 199 -12.75 25.89 -3.50
C VAL A 199 -11.27 25.94 -3.89
N HIS A 200 -10.59 24.80 -3.86
CA HIS A 200 -9.14 24.71 -4.17
C HIS A 200 -8.79 25.19 -5.56
N THR A 201 -9.67 24.96 -6.53
CA THR A 201 -9.39 25.43 -7.91
C THR A 201 -10.03 26.77 -8.17
N LYS A 202 -10.46 27.48 -7.12
CA LYS A 202 -10.90 28.87 -7.25
C LYS A 202 -12.14 29.03 -8.10
N GLY A 203 -13.02 28.04 -8.07
CA GLY A 203 -14.28 28.11 -8.78
C GLY A 203 -14.22 27.60 -10.22
N ALA A 204 -13.03 27.22 -10.67
CA ALA A 204 -12.79 26.71 -12.04
C ALA A 204 -13.46 25.35 -12.34
N LEU A 205 -13.38 24.43 -11.39
CA LEU A 205 -13.90 23.08 -11.67
C LEU A 205 -14.53 22.40 -10.45
N LEU A 206 -15.23 21.29 -10.67
CA LEU A 206 -15.76 20.51 -9.58
C LEU A 206 -15.68 19.01 -9.87
N ILE A 207 -15.22 18.22 -8.92
CA ILE A 207 -15.10 16.80 -9.15
C ILE A 207 -16.35 16.15 -8.65
N CYS A 208 -17.10 15.48 -9.51
CA CYS A 208 -18.28 14.68 -9.04
C CYS A 208 -18.44 13.42 -9.92
N ASP A 209 -19.53 12.64 -9.77
CA ASP A 209 -19.56 11.23 -10.31
C ASP A 209 -18.61 10.43 -9.43
N ILE A 210 -18.72 10.62 -8.13
CA ILE A 210 -17.85 9.98 -7.21
C ILE A 210 -18.44 8.58 -6.98
N GLN A 211 -17.65 7.56 -7.29
CA GLN A 211 -18.21 6.22 -7.28
C GLN A 211 -17.08 5.26 -7.14
N GLY A 212 -17.36 4.14 -6.48
CA GLY A 212 -16.44 3.03 -6.38
C GLY A 212 -16.71 2.17 -5.19
N VAL A 213 -15.65 1.82 -4.49
CA VAL A 213 -15.71 0.84 -3.41
C VAL A 213 -15.16 1.39 -2.12
N ASN A 214 -15.89 1.12 -1.05
CA ASN A 214 -15.48 1.53 0.28
C ASN A 214 -15.01 0.33 1.18
N ALA A 215 -13.78 0.37 1.68
CA ALA A 215 -13.28 -0.71 2.55
C ALA A 215 -12.24 -0.19 3.51
N ASN A 216 -12.45 -0.42 4.81
CA ASN A 216 -11.50 0.02 5.88
C ASN A 216 -11.08 1.50 5.79
N ASN A 217 -12.04 2.41 5.79
CA ASN A 217 -11.70 3.85 5.78
C ASN A 217 -11.09 4.26 4.45
N LYS A 218 -11.27 3.45 3.43
CA LYS A 218 -10.67 3.79 2.18
C LYS A 218 -11.70 3.68 1.09
N PHE A 219 -11.82 4.77 0.31
CA PHE A 219 -12.63 4.80 -0.90
C PHE A 219 -11.73 4.62 -2.11
N TYR A 220 -11.92 3.50 -2.78
CA TYR A 220 -11.29 3.28 -4.05
C TYR A 220 -12.24 3.71 -5.13
N LEU A 221 -11.91 4.85 -5.76
CA LEU A 221 -12.80 5.58 -6.65
C LEU A 221 -12.42 5.55 -8.12
N THR A 222 -13.44 5.51 -8.99
CA THR A 222 -13.20 5.31 -10.37
C THR A 222 -14.15 6.11 -11.24
N ASP A 223 -13.73 6.37 -12.46
CA ASP A 223 -14.53 7.05 -13.44
C ASP A 223 -15.21 8.35 -13.01
N PRO A 224 -14.49 9.26 -12.31
CA PRO A 224 -15.12 10.50 -11.85
C PRO A 224 -15.45 11.41 -13.05
N ALA A 225 -16.43 12.26 -12.88
CA ALA A 225 -16.66 13.37 -13.78
C ALA A 225 -16.05 14.67 -13.22
N LEU A 226 -15.84 15.60 -14.14
CA LEU A 226 -15.19 16.85 -13.86
C LEU A 226 -15.93 17.95 -14.64
N HIS A 227 -16.56 18.90 -13.93
CA HIS A 227 -17.18 20.08 -14.56
C HIS A 227 -16.16 21.24 -14.61
N HIS A 228 -16.01 21.86 -15.80
CA HIS A 228 -15.09 22.97 -15.97
C HIS A 228 -15.76 24.22 -16.46
N ILE A 229 -15.48 25.38 -15.85
CA ILE A 229 -16.12 26.62 -16.31
C ILE A 229 -15.62 27.07 -17.72
N ASP A 230 -14.45 26.60 -18.12
CA ASP A 230 -13.93 26.96 -19.40
C ASP A 230 -14.40 25.89 -20.45
N GLN A 231 -15.36 26.30 -21.29
CA GLN A 231 -15.86 25.47 -22.42
C GLN A 231 -14.77 24.73 -23.22
N ASN A 232 -13.63 25.38 -23.44
CA ASN A 232 -12.55 24.79 -24.22
C ASN A 232 -11.65 23.82 -23.52
N LYS A 233 -12.02 23.40 -22.32
CA LYS A 233 -11.06 22.76 -21.45
C LYS A 233 -11.08 21.21 -21.45
N PHE A 234 -12.27 20.62 -21.36
CA PHE A 234 -12.40 19.15 -21.34
C PHE A 234 -13.48 18.82 -22.34
N ILE A 235 -13.17 19.09 -23.59
CA ILE A 235 -14.10 19.14 -24.70
C ILE A 235 -14.73 17.83 -25.16
N TYR A 236 -14.09 16.70 -24.87
CA TYR A 236 -14.61 15.36 -25.28
C TYR A 236 -15.49 14.69 -24.24
N SER A 237 -15.30 15.08 -23.00
CA SER A 237 -16.02 14.45 -21.92
C SER A 237 -17.49 14.70 -22.05
N GLU A 238 -18.23 13.63 -22.15
CA GLU A 238 -19.66 13.73 -22.13
C GLU A 238 -20.20 14.18 -20.74
N THR A 239 -19.46 13.87 -19.69
CA THR A 239 -19.94 14.11 -18.33
C THR A 239 -19.59 15.54 -17.81
N ASN A 240 -18.75 16.29 -18.53
CA ASN A 240 -18.48 17.69 -18.15
C ASN A 240 -19.65 18.59 -18.50
N LEU A 241 -20.34 19.14 -17.50
CA LEU A 241 -21.48 20.02 -17.85
C LEU A 241 -21.25 21.48 -17.56
N GLY A 242 -20.01 21.95 -17.67
CA GLY A 242 -19.71 23.34 -17.40
C GLY A 242 -20.29 23.93 -16.11
N GLU A 243 -20.39 25.24 -16.08
CA GLU A 243 -20.98 25.95 -14.96
C GLU A 243 -22.32 25.40 -14.47
N VAL A 244 -23.11 24.86 -15.41
CA VAL A 244 -24.42 24.29 -15.07
C VAL A 244 -24.23 23.07 -14.18
N GLY A 245 -23.24 22.25 -14.48
CA GLY A 245 -22.98 21.11 -13.62
C GLY A 245 -22.56 21.51 -12.20
N ILE A 246 -21.76 22.56 -12.11
CA ILE A 246 -21.25 23.07 -10.84
C ILE A 246 -22.47 23.55 -10.04
N SER A 247 -23.30 24.38 -10.65
CA SER A 247 -24.57 24.81 -10.00
C SER A 247 -25.46 23.66 -9.56
N GLN A 248 -25.62 22.65 -10.43
CA GLN A 248 -26.44 21.52 -10.08
C GLN A 248 -25.95 20.84 -8.78
N PHE A 249 -24.63 20.65 -8.67
CA PHE A 249 -24.09 20.05 -7.45
C PHE A 249 -24.47 20.93 -6.28
N PHE A 250 -24.30 22.23 -6.43
CA PHE A 250 -24.43 23.05 -5.23
C PHE A 250 -25.89 23.23 -4.79
N ARG A 251 -26.86 23.12 -5.70
CA ARG A 251 -28.26 23.32 -5.35
C ARG A 251 -28.69 22.34 -4.31
N THR A 252 -28.31 21.07 -4.44
CA THR A 252 -28.65 20.05 -3.44
C THR A 252 -27.55 19.87 -2.37
N HIS A 253 -26.45 20.65 -2.42
CA HIS A 253 -25.36 20.39 -1.47
C HIS A 253 -25.69 21.04 -0.15
N GLN A 254 -25.29 20.40 0.96
CA GLN A 254 -25.48 20.91 2.28
C GLN A 254 -24.14 20.87 2.89
N CYS A 255 -23.62 21.98 3.40
CA CYS A 255 -22.27 21.87 3.91
C CYS A 255 -22.39 21.05 5.16
N ASN A 256 -21.42 20.14 5.34
CA ASN A 256 -21.52 19.15 6.44
C ASN A 256 -20.43 19.47 7.45
N ALA A 257 -20.26 18.68 8.47
CA ALA A 257 -19.19 19.00 9.46
C ALA A 257 -17.77 19.00 8.89
N ILE A 258 -17.50 18.31 7.79
CA ILE A 258 -16.17 18.43 7.18
C ILE A 258 -16.04 19.76 6.41
N CYS A 259 -17.08 20.14 5.62
CA CYS A 259 -17.09 21.47 4.97
C CYS A 259 -16.79 22.60 6.04
N GLN A 260 -17.48 22.53 7.17
CA GLN A 260 -17.42 23.52 8.26
C GLN A 260 -16.04 23.52 8.85
N GLY A 261 -15.50 22.33 9.10
CA GLY A 261 -14.15 22.25 9.63
C GLY A 261 -13.12 22.87 8.70
N LEU A 262 -13.43 22.91 7.39
CA LEU A 262 -12.50 23.47 6.42
C LEU A 262 -12.81 24.91 6.06
N HIS A 263 -13.89 25.46 6.62
CA HIS A 263 -14.25 26.85 6.36
C HIS A 263 -14.55 27.07 4.89
N LEU A 264 -15.16 26.10 4.25
CA LEU A 264 -15.41 26.26 2.82
C LEU A 264 -16.41 27.41 2.56
N PRO A 265 -16.00 28.36 1.74
CA PRO A 265 -17.01 29.28 1.35
C PRO A 265 -18.03 28.56 0.43
N LYS A 266 -19.27 29.03 0.50
CA LYS A 266 -20.38 28.44 -0.18
C LYS A 266 -20.49 29.03 -1.55
N HIS A 267 -20.90 28.19 -2.48
CA HIS A 267 -21.31 28.68 -3.77
C HIS A 267 -22.63 29.41 -3.66
N LYS A 268 -22.84 30.43 -4.46
CA LYS A 268 -24.03 31.25 -4.31
C LYS A 268 -25.35 30.53 -4.62
N GLU A 269 -25.26 29.39 -5.29
CA GLU A 269 -26.43 28.63 -5.58
C GLU A 269 -26.81 27.81 -4.36
N GLN A 270 -26.01 27.80 -3.29
CA GLN A 270 -26.38 26.96 -2.15
C GLN A 270 -27.51 27.63 -1.41
N VAL A 271 -28.57 26.86 -1.11
CA VAL A 271 -29.74 27.40 -0.40
C VAL A 271 -29.98 26.58 0.88
N LEU A 272 -29.68 25.30 0.85
CA LEU A 272 -30.09 24.38 1.91
C LEU A 272 -29.22 24.62 3.11
N PRO A 273 -29.76 24.39 4.32
CA PRO A 273 -28.98 24.64 5.54
C PRO A 273 -27.97 23.53 5.75
N ASP A 274 -26.96 23.77 6.59
CA ASP A 274 -25.95 22.78 6.93
C ASP A 274 -26.62 21.58 7.57
N TPO A 275 -25.96 20.42 7.47
CA TPO A 275 -26.37 19.18 8.07
CB TPO A 275 -26.67 18.28 6.87
CG2 TPO A 275 -25.54 17.40 6.36
OG1 TPO A 275 -27.91 17.55 7.03
P TPO A 275 -28.45 16.81 8.32
O1P TPO A 275 -27.24 15.98 8.53
O2P TPO A 275 -28.63 17.67 9.52
O3P TPO A 275 -29.64 16.21 7.66
C TPO A 275 -25.24 18.69 8.92
O TPO A 275 -24.06 19.05 8.71
N THR A 276 -25.54 17.87 9.92
CA THR A 276 -24.40 17.39 10.67
C THR A 276 -24.32 15.89 10.77
N LYS A 277 -25.06 15.19 9.91
CA LYS A 277 -25.01 13.73 9.88
C LYS A 277 -23.69 13.25 9.30
N GLY A 278 -23.39 11.97 9.47
CA GLY A 278 -22.18 11.35 8.89
C GLY A 278 -20.89 11.71 9.62
N TPO A 279 -19.77 11.51 8.94
CA TPO A 279 -18.45 11.57 9.59
CB TPO A 279 -17.38 11.28 8.52
CG2 TPO A 279 -15.94 11.31 9.00
OG1 TPO A 279 -17.62 10.00 7.99
P TPO A 279 -18.32 9.81 6.55
O1P TPO A 279 -17.35 10.57 5.66
O2P TPO A 279 -18.33 8.30 6.38
O3P TPO A 279 -19.70 10.44 6.59
C TPO A 279 -18.22 12.92 10.22
O TPO A 279 -18.47 13.95 9.60
N THR A 280 -17.77 12.88 11.48
CA THR A 280 -17.28 14.02 12.30
C THR A 280 -18.28 15.03 12.76
N GLU B 15 -0.23 -25.90 -7.93
CA GLU B 15 -1.21 -26.09 -6.79
C GLU B 15 -0.64 -26.97 -5.65
N PRO B 16 -1.04 -26.67 -4.38
CA PRO B 16 -0.47 -27.35 -3.21
C PRO B 16 -0.95 -28.79 -3.06
N GLN B 17 -0.03 -29.70 -2.76
CA GLN B 17 -0.44 -31.08 -2.52
C GLN B 17 -0.19 -31.37 -1.05
N TYR B 18 -1.25 -31.10 -0.25
CA TYR B 18 -1.23 -31.32 1.21
C TYR B 18 -1.35 -32.81 1.45
N GLN B 19 -0.39 -33.41 2.17
CA GLN B 19 -0.45 -34.86 2.50
C GLN B 19 -0.43 -35.09 4.01
N THR B 20 0.28 -34.22 4.75
CA THR B 20 0.48 -34.55 6.15
C THR B 20 -0.45 -33.68 7.00
N GLN B 21 -1.07 -34.33 7.98
CA GLN B 21 -1.95 -33.66 8.90
C GLN B 21 -1.26 -33.55 10.24
N VAL B 22 -0.92 -32.33 10.67
CA VAL B 22 -0.19 -32.15 11.90
C VAL B 22 -1.02 -31.38 12.93
N SER B 23 -1.15 -31.99 14.09
CA SER B 23 -1.74 -31.34 15.24
C SER B 23 -0.71 -30.91 16.27
N GLY B 24 -0.99 -29.78 16.89
CA GLY B 24 -0.21 -29.35 18.05
C GLY B 24 -0.60 -27.97 18.43
N TYR B 25 0.31 -27.28 19.08
CA TYR B 25 -0.01 -26.02 19.67
C TYR B 25 0.49 -24.81 18.95
N ILE B 26 -0.44 -23.88 18.76
CA ILE B 26 -0.11 -22.55 18.27
C ILE B 26 0.18 -21.80 19.55
N ILE B 27 1.34 -21.18 19.62
CA ILE B 27 1.72 -20.53 20.83
C ILE B 27 1.73 -19.07 20.50
N THR B 28 0.98 -18.31 21.28
CA THR B 28 0.93 -16.87 21.06
C THR B 28 1.29 -16.12 22.32
N VAL B 29 1.42 -14.81 22.16
CA VAL B 29 1.81 -14.01 23.26
C VAL B 29 0.67 -13.18 23.63
N PRO B 30 0.04 -13.48 24.74
CA PRO B 30 -1.15 -12.62 24.96
C PRO B 30 -0.71 -11.27 25.53
N ASN B 31 -1.60 -10.28 25.40
CA ASN B 31 -1.36 -8.89 25.77
C ASN B 31 -0.01 -8.41 25.23
N GLU B 32 0.17 -8.46 23.91
CA GLU B 32 1.54 -8.36 23.38
C GLU B 32 2.13 -6.99 23.70
N THR B 33 1.28 -5.97 23.64
CA THR B 33 1.69 -4.61 23.92
C THR B 33 2.28 -4.45 25.31
N THR B 34 1.60 -4.97 26.31
CA THR B 34 2.11 -4.79 27.66
C THR B 34 3.42 -5.53 27.83
N GLN B 35 3.57 -6.71 27.26
CA GLN B 35 4.79 -7.46 27.45
C GLN B 35 5.97 -6.89 26.76
N ILE B 36 5.72 -6.37 25.59
CA ILE B 36 6.74 -5.86 24.78
C ILE B 36 7.30 -4.56 25.36
N ARG B 37 6.43 -3.75 25.95
CA ARG B 37 6.85 -2.56 26.57
C ARG B 37 7.68 -2.84 27.78
N LYS B 38 7.34 -3.88 28.48
CA LYS B 38 8.01 -4.17 29.68
C LYS B 38 9.31 -4.71 29.31
N PHE B 39 9.38 -5.23 28.12
CA PHE B 39 10.59 -5.85 27.71
C PHE B 39 11.57 -4.74 27.33
N LEU B 40 11.06 -3.68 26.74
CA LEU B 40 11.84 -2.57 26.30
C LEU B 40 12.34 -1.73 27.46
N ALA B 41 11.49 -1.51 28.44
CA ALA B 41 11.76 -0.63 29.56
C ALA B 41 12.44 -1.30 30.73
N SER B 42 12.30 -2.61 30.82
CA SER B 42 13.17 -3.47 31.61
C SER B 42 13.85 -4.50 30.76
N ASN B 43 14.28 -5.57 31.33
CA ASN B 43 14.81 -6.53 30.44
C ASN B 43 13.87 -7.66 30.75
N GLN B 44 12.61 -7.39 30.95
CA GLN B 44 11.71 -8.46 31.33
C GLN B 44 11.35 -9.25 30.14
N ARG B 45 11.81 -10.49 30.09
CA ARG B 45 11.59 -11.36 28.96
C ARG B 45 10.11 -11.61 28.81
N ILE B 46 9.65 -11.85 27.58
CA ILE B 46 8.28 -12.28 27.47
C ILE B 46 8.10 -13.48 28.39
N ASN B 47 7.05 -13.46 29.18
CA ASN B 47 6.85 -14.50 30.15
C ASN B 47 5.40 -15.04 30.27
N GLN B 48 4.59 -14.76 29.27
CA GLN B 48 3.26 -15.30 29.21
C GLN B 48 3.02 -15.72 27.79
N PHE B 49 2.73 -17.02 27.63
CA PHE B 49 2.48 -17.67 26.34
C PHE B 49 1.21 -18.49 26.38
N LEU B 50 0.27 -18.22 25.46
CA LEU B 50 -1.00 -18.93 25.32
C LEU B 50 -0.82 -20.09 24.36
N PHE B 51 -1.28 -21.26 24.78
CA PHE B 51 -1.28 -22.46 23.98
C PHE B 51 -2.69 -22.71 23.45
N GLN B 52 -2.79 -22.82 22.13
CA GLN B 52 -4.02 -23.23 21.50
C GLN B 52 -3.80 -24.37 20.54
N HIS B 53 -4.52 -25.47 20.79
CA HIS B 53 -4.36 -26.69 20.01
C HIS B 53 -5.12 -26.60 18.72
N SER B 54 -4.46 -26.86 17.60
CA SER B 54 -5.17 -26.90 16.27
C SER B 54 -4.53 -27.84 15.23
N THR B 55 -5.12 -27.91 14.04
CA THR B 55 -4.65 -28.88 13.08
C THR B 55 -4.32 -28.29 11.74
N PHE B 56 -3.27 -28.77 11.11
CA PHE B 56 -2.99 -28.33 9.74
C PHE B 56 -2.77 -29.48 8.85
N ARG B 57 -3.21 -29.35 7.61
CA ARG B 57 -2.76 -30.19 6.51
C ARG B 57 -1.57 -29.51 5.78
N VAL B 58 -0.47 -30.24 5.61
CA VAL B 58 0.77 -29.63 5.16
C VAL B 58 1.37 -30.34 3.93
N GLU B 59 1.96 -29.53 3.06
CA GLU B 59 2.66 -30.07 1.95
C GLU B 59 3.92 -30.77 2.47
N LEU B 60 4.27 -31.89 1.86
CA LEU B 60 5.50 -32.59 2.26
C LEU B 60 6.78 -32.03 1.65
N ALA B 61 6.64 -31.27 0.57
CA ALA B 61 7.77 -30.60 -0.09
C ALA B 61 7.67 -29.08 0.07
N PRO B 62 8.77 -28.46 0.50
CA PRO B 62 8.88 -27.03 0.62
C PRO B 62 8.57 -26.40 -0.70
N PHE B 63 8.08 -25.16 -0.73
CA PHE B 63 7.88 -24.43 -1.97
C PHE B 63 8.95 -23.37 -2.08
N ALA B 64 9.73 -23.17 -1.01
CA ALA B 64 10.82 -22.18 -1.03
C ALA B 64 11.92 -22.51 -0.03
N LYS B 65 13.04 -21.82 -0.21
CA LYS B 65 14.25 -21.88 0.57
C LYS B 65 14.91 -20.61 0.01
N GLY B 66 15.20 -19.58 0.80
CA GLY B 66 15.36 -19.62 2.24
C GLY B 66 16.86 -19.67 2.39
N GLY B 67 17.47 -18.65 2.98
CA GLY B 67 18.87 -18.77 3.38
C GLY B 67 18.81 -19.70 4.59
N GLU B 68 18.03 -19.25 5.57
CA GLU B 68 17.91 -19.93 6.83
C GLU B 68 16.85 -21.03 6.83
N ARG B 69 15.68 -20.73 6.26
CA ARG B 69 14.51 -21.55 6.47
C ARG B 69 14.03 -22.31 5.24
N LEU B 70 13.19 -23.32 5.49
CA LEU B 70 12.34 -23.92 4.47
C LEU B 70 10.97 -23.36 4.71
N ALA B 71 10.25 -23.07 3.64
CA ALA B 71 8.86 -22.66 3.74
C ALA B 71 8.02 -23.79 3.16
N PHE B 72 6.95 -24.19 3.85
CA PHE B 72 5.97 -25.18 3.36
C PHE B 72 4.56 -24.57 3.37
N ARG B 73 3.82 -24.78 2.27
CA ARG B 73 2.40 -24.40 2.17
C ARG B 73 1.51 -25.26 3.04
N ALA B 74 0.62 -24.60 3.77
CA ALA B 74 -0.37 -25.32 4.55
C ALA B 74 -1.71 -24.61 4.55
N ILE B 75 -2.64 -25.24 5.26
CA ILE B 75 -4.06 -24.93 5.26
C ILE B 75 -4.61 -25.30 6.64
N ASN B 76 -5.53 -24.51 7.18
CA ASN B 76 -5.97 -24.75 8.56
C ASN B 76 -7.25 -25.53 8.87
N GLY B 77 -7.93 -26.10 7.88
CA GLY B 77 -9.10 -26.91 8.27
C GLY B 77 -10.36 -26.12 8.06
N ARG B 78 -10.41 -24.91 8.61
CA ARG B 78 -11.37 -23.87 8.16
C ARG B 78 -10.94 -23.38 6.78
N GLY B 79 -9.87 -23.97 6.24
CA GLY B 79 -9.39 -23.72 4.87
C GLY B 79 -8.37 -22.59 4.60
N ASP B 80 -8.11 -21.70 5.57
CA ASP B 80 -7.17 -20.58 5.36
C ASP B 80 -5.77 -21.07 4.96
N ARG B 81 -5.11 -20.29 4.12
CA ARG B 81 -3.80 -20.60 3.60
C ARG B 81 -2.79 -19.96 4.54
N ILE B 82 -1.83 -20.76 4.97
CA ILE B 82 -0.73 -20.29 5.79
C ILE B 82 0.59 -20.88 5.28
N VAL B 83 1.66 -20.53 5.96
CA VAL B 83 3.00 -20.98 5.63
C VAL B 83 3.65 -21.37 6.96
N LEU B 84 4.28 -22.54 6.92
CA LEU B 84 5.00 -23.10 8.01
C LEU B 84 6.45 -23.10 7.59
N LYS B 85 7.30 -22.46 8.39
CA LYS B 85 8.71 -22.33 8.09
C LYS B 85 9.46 -23.07 9.17
N ARG B 86 10.50 -23.80 8.80
CA ARG B 86 11.40 -24.31 9.79
C ARG B 86 12.85 -24.14 9.37
N PHE B 87 13.74 -24.08 10.36
CA PHE B 87 15.16 -24.05 10.05
C PHE B 87 15.63 -25.33 9.39
N PHE B 88 16.71 -25.24 8.59
CA PHE B 88 17.33 -26.42 7.97
C PHE B 88 17.71 -27.44 9.02
N GLN B 89 18.55 -26.99 9.94
CA GLN B 89 18.95 -27.82 11.07
C GLN B 89 18.25 -27.34 12.32
N GLN B 90 17.99 -28.29 13.21
CA GLN B 90 17.66 -27.96 14.58
C GLN B 90 18.39 -26.70 15.10
N ARG B 91 17.60 -25.82 15.71
CA ARG B 91 18.05 -24.64 16.41
C ARG B 91 17.52 -24.70 17.83
N PRO B 92 18.30 -24.24 18.81
CA PRO B 92 17.79 -24.22 20.22
C PRO B 92 16.55 -23.35 20.37
N LEU B 93 15.63 -23.72 21.23
CA LEU B 93 14.35 -23.03 21.22
C LEU B 93 14.53 -21.52 21.44
N THR B 94 15.54 -21.16 22.20
CA THR B 94 15.70 -19.75 22.47
C THR B 94 15.98 -18.95 21.15
N MET B 95 16.74 -19.53 20.24
CA MET B 95 16.92 -18.87 18.97
C MET B 95 15.60 -18.57 18.22
N LEU B 96 14.68 -19.54 18.25
CA LEU B 96 13.33 -19.34 17.72
C LEU B 96 12.55 -18.18 18.42
N LEU B 97 12.62 -18.12 19.75
CA LEU B 97 11.95 -17.06 20.48
C LEU B 97 12.44 -15.66 20.13
N GLU B 98 13.73 -15.53 19.87
CA GLU B 98 14.24 -14.23 19.53
C GLU B 98 13.46 -13.82 18.30
N THR B 99 13.21 -14.76 17.40
CA THR B 99 12.51 -14.37 16.16
C THR B 99 11.12 -13.80 16.46
N ILE B 100 10.44 -14.36 17.49
CA ILE B 100 9.14 -13.90 18.00
C ILE B 100 9.26 -12.60 18.81
N GLU B 101 10.20 -12.56 19.75
CA GLU B 101 10.52 -11.33 20.48
C GLU B 101 10.75 -10.15 19.53
N ARG B 102 11.47 -10.40 18.46
CA ARG B 102 11.78 -9.40 17.48
C ARG B 102 10.55 -8.99 16.72
N GLN B 103 9.87 -9.97 16.15
CA GLN B 103 8.64 -9.72 15.42
C GLN B 103 7.60 -8.89 16.23
N LEU B 104 7.45 -9.13 17.54
CA LEU B 104 6.51 -8.35 18.31
C LEU B 104 6.97 -6.91 18.52
N ILE B 105 8.27 -6.71 18.68
CA ILE B 105 8.81 -5.37 18.75
C ILE B 105 8.53 -4.67 17.43
N CYS B 106 8.78 -5.34 16.32
CA CYS B 106 8.56 -4.70 15.04
C CYS B 106 7.09 -4.29 14.85
N ILE B 107 6.17 -5.13 15.32
CA ILE B 107 4.73 -4.87 15.22
C ILE B 107 4.34 -3.67 16.10
N TYR B 108 4.79 -3.72 17.34
CA TYR B 108 4.66 -2.61 18.25
C TYR B 108 5.13 -1.25 17.65
N LEU B 109 6.36 -1.24 17.11
CA LEU B 109 6.98 -0.05 16.57
C LEU B 109 6.24 0.45 15.34
N ALA B 110 5.78 -0.47 14.50
CA ALA B 110 5.09 -0.13 13.29
C ALA B 110 3.75 0.49 13.64
N ASN B 111 3.04 -0.08 14.61
CA ASN B 111 1.71 0.48 14.98
C ASN B 111 1.89 1.89 15.48
N ILE B 112 2.95 2.16 16.25
CA ILE B 112 3.15 3.52 16.75
C ILE B 112 3.44 4.51 15.59
N PHE B 113 4.35 4.12 14.72
CA PHE B 113 4.74 4.90 13.61
C PHE B 113 3.58 5.19 12.65
N ASN B 114 2.79 4.18 12.29
CA ASN B 114 1.54 4.36 11.52
C ASN B 114 0.62 5.38 12.19
N LYS B 115 0.44 5.25 13.51
CA LYS B 115 -0.35 6.19 14.33
C LYS B 115 0.15 7.62 14.30
N LEU B 116 1.46 7.84 14.16
CA LEU B 116 1.99 9.22 13.99
C LEU B 116 1.45 9.89 12.72
N ASN B 117 1.04 9.04 11.80
CA ASN B 117 0.47 9.42 10.51
C ASN B 117 1.24 10.37 9.63
N VAL B 118 2.54 10.19 9.57
CA VAL B 118 3.34 11.05 8.73
C VAL B 118 3.44 10.54 7.30
N SER B 119 2.87 9.36 7.02
CA SER B 119 2.97 8.81 5.66
C SER B 119 1.66 8.20 5.27
N PRO B 120 1.30 8.26 3.98
CA PRO B 120 0.09 7.56 3.55
C PRO B 120 0.35 6.06 3.47
N ASN B 121 1.64 5.66 3.45
CA ASN B 121 1.94 4.25 3.36
C ASN B 121 2.05 3.68 4.76
N LYS B 122 1.33 2.61 5.01
CA LYS B 122 1.23 2.02 6.34
C LYS B 122 2.02 0.69 6.33
N LEU B 123 2.76 0.42 7.41
CA LEU B 123 3.64 -0.77 7.50
C LEU B 123 2.98 -1.84 8.33
N HIS B 124 3.02 -3.08 7.88
CA HIS B 124 2.43 -4.20 8.66
C HIS B 124 3.39 -5.31 8.54
N PHE B 125 3.88 -5.72 9.71
CA PHE B 125 4.72 -6.85 9.83
C PHE B 125 3.77 -8.04 10.03
N LEU B 126 3.93 -9.05 9.17
CA LEU B 126 3.11 -10.27 9.25
C LEU B 126 3.17 -10.91 10.63
N PRO B 127 2.01 -11.29 11.19
CA PRO B 127 2.13 -11.99 12.46
C PRO B 127 2.88 -13.32 12.27
N ASN B 128 3.54 -13.77 13.33
CA ASN B 128 4.40 -14.94 13.35
C ASN B 128 4.16 -15.60 14.71
N TYR B 129 4.00 -16.92 14.70
CA TYR B 129 3.64 -17.71 15.88
C TYR B 129 4.41 -18.98 15.79
N LEU B 130 4.72 -19.55 16.95
CA LEU B 130 5.24 -20.88 17.00
C LEU B 130 4.13 -21.89 16.81
N PHE B 131 4.50 -22.99 16.20
CA PHE B 131 3.64 -24.13 16.18
C PHE B 131 4.52 -25.31 16.57
N ILE B 132 4.06 -26.03 17.56
CA ILE B 132 4.71 -27.21 18.01
C ILE B 132 3.79 -28.43 17.90
N PRO B 133 4.27 -29.41 17.17
CA PRO B 133 3.50 -30.60 16.92
C PRO B 133 3.31 -31.44 18.15
N SER B 134 2.09 -31.87 18.36
CA SER B 134 1.68 -32.53 19.57
C SER B 134 0.33 -33.12 19.39
N PRO B 135 0.30 -34.42 19.44
CA PRO B 135 -0.95 -35.13 19.39
C PRO B 135 -1.79 -34.89 20.63
N THR B 136 -1.22 -34.75 21.81
CA THR B 136 -2.06 -34.39 22.98
C THR B 136 -2.32 -32.86 23.13
N LYS B 137 -3.41 -32.57 23.82
CA LYS B 137 -3.99 -31.27 23.77
C LYS B 137 -4.25 -30.68 25.16
N ASP B 138 -3.64 -31.27 26.17
CA ASP B 138 -3.92 -30.89 27.55
C ASP B 138 -3.52 -29.45 27.96
N LEU B 139 -2.58 -28.84 27.25
CA LEU B 139 -2.19 -27.46 27.52
C LEU B 139 -3.13 -26.45 26.89
N ASP B 140 -4.09 -26.94 26.12
CA ASP B 140 -5.04 -26.06 25.39
C ASP B 140 -5.77 -24.97 26.21
N GLY B 141 -5.70 -23.72 25.78
CA GLY B 141 -6.32 -22.64 26.57
C GLY B 141 -5.50 -22.16 27.79
N LYS B 142 -4.33 -22.76 28.03
CA LYS B 142 -3.50 -22.36 29.18
C LYS B 142 -2.50 -21.26 28.82
N ILE B 143 -2.40 -20.25 29.69
CA ILE B 143 -1.30 -19.30 29.56
C ILE B 143 -0.11 -19.70 30.44
N LEU B 144 1.01 -20.02 29.80
CA LEU B 144 2.20 -20.56 30.50
C LEU B 144 3.29 -19.49 30.60
N THR B 145 4.05 -19.55 31.70
CA THR B 145 5.28 -18.83 31.90
C THR B 145 6.34 -19.32 30.92
N LEU B 146 7.37 -18.51 30.74
CA LEU B 146 8.50 -18.90 29.92
C LEU B 146 9.07 -20.28 30.28
N GLU B 147 9.24 -20.50 31.58
CA GLU B 147 9.70 -21.74 32.21
C GLU B 147 8.88 -22.94 31.71
N GLN B 148 7.57 -22.88 31.97
CA GLN B 148 6.64 -23.91 31.51
C GLN B 148 6.57 -24.06 29.99
N THR B 149 6.71 -22.96 29.26
CA THR B 149 6.74 -23.01 27.79
C THR B 149 7.95 -23.76 27.24
N GLU B 150 9.11 -23.48 27.83
CA GLU B 150 10.37 -24.19 27.43
C GLU B 150 10.26 -25.64 27.76
N GLN B 151 9.64 -25.96 28.92
CA GLN B 151 9.48 -27.39 29.30
C GLN B 151 8.54 -28.06 28.31
N ALA B 152 7.40 -27.42 28.04
CA ALA B 152 6.40 -28.00 27.18
C ALA B 152 6.93 -28.24 25.77
N VAL B 153 7.69 -27.31 25.22
CA VAL B 153 8.22 -27.53 23.87
C VAL B 153 9.21 -28.69 23.87
N ALA B 154 10.07 -28.73 24.85
CA ALA B 154 11.07 -29.75 24.97
C ALA B 154 10.52 -31.15 25.11
N ALA B 155 9.45 -31.32 25.82
CA ALA B 155 8.92 -32.60 26.18
C ALA B 155 8.30 -33.29 25.01
N THR B 156 7.80 -32.49 24.13
CA THR B 156 7.37 -32.81 22.81
C THR B 156 8.30 -33.69 21.94
N CYS B 157 9.60 -33.49 22.08
CA CYS B 157 10.66 -34.02 21.27
C CYS B 157 10.42 -33.87 19.79
N ARG B 158 9.83 -32.75 19.44
CA ARG B 158 9.44 -32.46 18.12
C ARG B 158 9.96 -31.08 17.79
N THR B 159 10.01 -30.75 16.54
CA THR B 159 10.64 -29.54 16.06
C THR B 159 9.69 -28.37 15.92
N PRO B 160 10.00 -27.22 16.49
CA PRO B 160 9.05 -26.13 16.41
C PRO B 160 9.07 -25.52 15.01
N ASN B 161 7.92 -25.02 14.60
CA ASN B 161 7.79 -24.27 13.40
C ASN B 161 7.34 -22.85 13.67
N PHE B 162 7.30 -22.06 12.61
CA PHE B 162 6.68 -20.80 12.64
C PHE B 162 5.57 -20.88 11.70
N VAL B 163 4.45 -20.26 12.07
CA VAL B 163 3.36 -20.07 11.16
C VAL B 163 3.16 -18.59 10.94
N GLU B 164 2.91 -18.25 9.68
CA GLU B 164 2.47 -16.93 9.29
C GLU B 164 1.48 -17.03 8.12
N PRO B 165 0.63 -16.01 7.94
CA PRO B 165 -0.34 -16.08 6.85
C PRO B 165 0.39 -16.17 5.51
N TYR B 166 -0.21 -16.87 4.55
CA TYR B 166 0.28 -16.82 3.20
C TYR B 166 0.24 -15.35 2.77
N LEU B 167 1.33 -14.88 2.17
CA LEU B 167 1.40 -13.55 1.60
C LEU B 167 1.68 -13.67 0.12
N SER B 168 0.69 -13.36 -0.71
CA SER B 168 0.90 -13.39 -2.17
C SER B 168 1.58 -12.10 -2.64
N GLY B 169 2.42 -12.24 -3.67
CA GLY B 169 2.95 -11.08 -4.34
C GLY B 169 4.43 -11.09 -4.58
N TYR B 170 4.91 -9.93 -4.97
CA TYR B 170 6.26 -9.80 -5.47
C TYR B 170 7.08 -9.34 -4.30
N PHE B 171 7.92 -10.25 -3.83
CA PHE B 171 8.69 -10.06 -2.63
C PHE B 171 9.98 -9.34 -2.93
N ILE B 172 10.13 -8.14 -2.38
CA ILE B 172 11.37 -7.31 -2.55
C ILE B 172 12.14 -7.02 -1.25
N LYS B 173 13.47 -7.05 -1.32
CA LYS B 173 14.27 -6.54 -0.18
C LYS B 173 14.55 -5.05 -0.36
N TYR B 174 14.17 -4.25 0.64
CA TYR B 174 14.32 -2.79 0.54
C TYR B 174 15.61 -2.25 1.18
N ILE B 175 16.08 -2.96 2.19
CA ILE B 175 17.15 -2.54 3.11
C ILE B 175 17.61 -3.86 3.67
N ASP B 176 18.91 -4.13 3.57
CA ASP B 176 19.42 -5.31 4.29
C ASP B 176 19.75 -4.89 5.73
N ASN B 177 20.51 -5.71 6.40
CA ASN B 177 20.95 -5.42 7.75
C ASN B 177 22.37 -4.85 7.86
N ASN B 178 22.88 -4.23 6.81
CA ASN B 178 24.24 -3.80 6.75
C ASN B 178 24.43 -2.62 5.85
N GLY B 179 23.44 -1.75 5.78
CA GLY B 179 23.57 -0.54 5.01
C GLY B 179 23.35 -0.56 3.51
N TRP B 180 23.06 -1.70 2.92
CA TRP B 180 22.60 -1.72 1.56
C TRP B 180 21.23 -1.05 1.40
N ILE B 181 21.08 -0.33 0.31
CA ILE B 181 19.80 0.35 0.01
C ILE B 181 19.37 -0.16 -1.35
N ASN B 182 18.15 -0.70 -1.41
CA ASN B 182 17.61 -1.05 -2.72
C ASN B 182 17.23 0.25 -3.43
N GLU B 183 18.17 0.77 -4.20
CA GLU B 183 17.98 2.01 -4.93
C GLU B 183 16.75 2.01 -5.86
N SER B 184 16.48 0.87 -6.48
CA SER B 184 15.41 0.77 -7.48
C SER B 184 13.95 0.61 -6.95
N GLU B 185 13.80 0.29 -5.66
CA GLU B 185 12.48 0.22 -4.99
C GLU B 185 12.51 1.11 -3.75
N PHE B 186 13.06 2.30 -3.90
CA PHE B 186 13.18 3.23 -2.82
C PHE B 186 11.81 3.65 -2.32
N HIS B 187 11.59 3.56 -1.00
CA HIS B 187 10.42 4.16 -0.35
C HIS B 187 10.88 4.93 0.87
N SER B 188 10.54 6.20 0.96
CA SER B 188 11.13 6.97 2.04
C SER B 188 10.46 6.70 3.39
N THR B 189 9.25 6.14 3.35
CA THR B 189 8.57 5.65 4.55
C THR B 189 9.41 4.60 5.26
N LEU B 190 10.03 3.71 4.50
CA LEU B 190 10.77 2.60 5.06
C LEU B 190 12.02 3.06 5.72
N HIS B 191 12.78 3.89 5.01
CA HIS B 191 13.99 4.51 5.50
C HIS B 191 13.75 5.43 6.66
N ALA B 192 12.66 6.20 6.64
CA ALA B 192 12.26 7.03 7.79
C ALA B 192 11.92 6.21 9.07
N PHE B 193 11.03 5.22 8.89
CA PHE B 193 10.81 4.18 9.86
C PHE B 193 12.11 3.72 10.53
N ALA B 194 13.12 3.36 9.70
CA ALA B 194 14.33 2.75 10.27
C ALA B 194 14.99 3.78 11.15
N HIS B 195 15.26 4.96 10.59
CA HIS B 195 15.80 6.05 11.38
C HIS B 195 14.96 6.20 12.65
N TRP B 196 13.66 6.31 12.44
CA TRP B 196 12.76 6.49 13.55
C TRP B 196 12.83 5.46 14.65
N THR B 197 12.99 4.16 14.33
CA THR B 197 12.90 3.16 15.41
C THR B 197 14.05 3.46 16.38
N TRP B 198 15.13 4.01 15.85
CA TRP B 198 16.31 4.30 16.63
C TRP B 198 16.14 5.49 17.53
N VAL B 199 15.35 6.47 17.11
CA VAL B 199 15.12 7.65 17.92
C VAL B 199 14.11 7.31 18.98
N HIS B 200 13.06 6.61 18.54
CA HIS B 200 12.08 6.20 19.49
C HIS B 200 12.62 5.47 20.68
N THR B 201 13.62 4.60 20.48
CA THR B 201 14.12 3.73 21.58
C THR B 201 15.39 4.37 22.10
N LYS B 202 15.62 5.64 21.73
CA LYS B 202 16.70 6.44 22.32
C LYS B 202 18.01 5.73 22.05
N GLY B 203 18.12 5.21 20.85
CA GLY B 203 19.37 4.62 20.43
C GLY B 203 19.58 3.17 20.79
N ALA B 204 18.66 2.55 21.52
CA ALA B 204 18.78 1.13 21.94
C ALA B 204 18.86 0.14 20.75
N LEU B 205 18.14 0.43 19.66
CA LEU B 205 18.04 -0.52 18.57
C LEU B 205 17.59 0.13 17.28
N LEU B 206 17.63 -0.63 16.19
CA LEU B 206 17.25 -0.15 14.89
C LEU B 206 16.67 -1.34 14.16
N ILE B 207 15.52 -1.15 13.51
CA ILE B 207 14.95 -2.19 12.69
C ILE B 207 15.40 -2.00 11.27
N CYS B 208 15.80 -3.07 10.60
CA CYS B 208 16.25 -3.00 9.22
C CYS B 208 16.07 -4.40 8.69
N ASP B 209 16.71 -4.76 7.57
CA ASP B 209 16.27 -5.99 6.80
C ASP B 209 14.74 -5.91 6.44
N ILE B 210 14.35 -4.72 5.99
CA ILE B 210 12.99 -4.45 5.68
C ILE B 210 12.68 -4.99 4.27
N GLN B 211 11.75 -5.91 4.22
CA GLN B 211 11.50 -6.68 3.02
C GLN B 211 10.10 -7.21 3.07
N GLY B 212 9.47 -7.29 1.90
CA GLY B 212 8.09 -7.75 1.83
C GLY B 212 7.38 -7.37 0.56
N VAL B 213 6.06 -7.15 0.69
CA VAL B 213 5.21 -6.80 -0.45
C VAL B 213 4.47 -5.50 -0.21
N ASN B 214 4.59 -4.64 -1.21
CA ASN B 214 3.90 -3.36 -1.27
C ASN B 214 2.61 -3.51 -2.11
N ALA B 215 1.44 -3.42 -1.48
CA ALA B 215 0.14 -3.41 -2.19
C ALA B 215 -0.78 -2.35 -1.56
N ASN B 216 -1.26 -1.40 -2.37
CA ASN B 216 -2.26 -0.38 -1.96
C ASN B 216 -1.91 0.46 -0.74
N ASN B 217 -0.86 1.28 -0.83
CA ASN B 217 -0.42 2.16 0.28
C ASN B 217 -0.16 1.40 1.61
N LYS B 218 0.11 0.10 1.47
CA LYS B 218 0.35 -0.85 2.56
C LYS B 218 1.63 -1.65 2.29
N PHE B 219 2.56 -1.70 3.25
CA PHE B 219 3.69 -2.64 3.17
C PHE B 219 3.48 -3.89 4.04
N TYR B 220 3.50 -5.08 3.43
CA TYR B 220 3.45 -6.36 4.18
C TYR B 220 4.88 -6.85 4.31
N LEU B 221 5.43 -6.71 5.50
CA LEU B 221 6.86 -6.96 5.73
C LEU B 221 7.11 -8.21 6.54
N THR B 222 8.22 -8.86 6.25
CA THR B 222 8.55 -10.18 6.81
C THR B 222 10.03 -10.29 7.15
N ASP B 223 10.40 -11.27 7.97
CA ASP B 223 11.77 -11.42 8.51
C ASP B 223 12.56 -10.14 8.69
N PRO B 224 12.07 -9.20 9.50
CA PRO B 224 13.00 -8.09 9.74
C PRO B 224 14.29 -8.49 10.56
N ALA B 225 15.33 -7.66 10.44
CA ALA B 225 16.48 -7.64 11.36
C ALA B 225 16.40 -6.48 12.37
N LEU B 226 16.97 -6.73 13.53
CA LEU B 226 16.99 -5.80 14.62
C LEU B 226 18.43 -5.80 15.18
N HIS B 227 19.14 -4.68 15.03
CA HIS B 227 20.39 -4.42 15.73
C HIS B 227 20.17 -3.82 17.06
N HIS B 228 20.79 -4.40 18.09
CA HIS B 228 20.66 -3.88 19.46
C HIS B 228 21.98 -3.47 20.02
N ILE B 229 22.03 -2.42 20.83
CA ILE B 229 23.34 -1.99 21.38
C ILE B 229 23.77 -2.83 22.57
N ASP B 230 22.83 -3.49 23.21
CA ASP B 230 23.18 -4.25 24.36
C ASP B 230 23.64 -5.66 23.92
N GLN B 231 24.97 -5.87 23.93
CA GLN B 231 25.64 -7.12 23.55
C GLN B 231 25.08 -8.42 24.15
N ASN B 232 24.46 -8.31 25.32
CA ASN B 232 23.81 -9.43 26.01
C ASN B 232 22.29 -9.61 25.70
N LYS B 233 21.81 -8.96 24.66
CA LYS B 233 20.46 -9.14 24.21
C LYS B 233 20.51 -9.54 22.73
N PHE B 234 19.47 -10.28 22.32
CA PHE B 234 19.41 -10.88 20.97
C PHE B 234 20.76 -11.53 20.64
N ILE B 235 21.13 -12.42 21.52
CA ILE B 235 22.37 -13.20 21.55
C ILE B 235 22.55 -14.14 20.36
N TYR B 236 21.47 -14.78 19.90
CA TYR B 236 21.60 -15.76 18.81
C TYR B 236 21.58 -15.16 17.45
N SER B 237 20.82 -14.09 17.25
CA SER B 237 20.59 -13.59 15.89
C SER B 237 21.83 -13.17 15.12
N GLU B 238 22.12 -13.88 14.03
CA GLU B 238 23.22 -13.55 13.11
C GLU B 238 23.01 -12.19 12.42
N THR B 239 21.75 -11.78 12.27
CA THR B 239 21.39 -10.50 11.67
C THR B 239 21.53 -9.31 12.66
N ASN B 240 21.55 -9.58 14.00
CA ASN B 240 21.91 -8.54 15.03
C ASN B 240 23.43 -8.31 15.03
N LEU B 241 23.87 -7.22 14.42
CA LEU B 241 25.27 -6.87 14.35
C LEU B 241 25.57 -5.72 15.30
N GLY B 242 24.64 -5.36 16.21
CA GLY B 242 24.98 -4.40 17.29
C GLY B 242 25.18 -2.93 16.85
N GLU B 243 25.97 -2.16 17.61
CA GLU B 243 26.24 -0.75 17.24
C GLU B 243 26.92 -0.57 15.87
N VAL B 244 27.63 -1.60 15.41
CA VAL B 244 28.21 -1.62 14.09
C VAL B 244 27.10 -1.67 13.03
N GLY B 245 26.06 -2.46 13.29
CA GLY B 245 24.89 -2.48 12.45
C GLY B 245 24.25 -1.12 12.41
N ILE B 246 24.05 -0.51 13.58
CA ILE B 246 23.42 0.81 13.69
C ILE B 246 24.21 1.85 12.92
N SER B 247 25.54 1.78 13.04
CA SER B 247 26.46 2.67 12.29
C SER B 247 26.40 2.44 10.79
N GLN B 248 26.25 1.19 10.38
CA GLN B 248 26.22 0.91 8.95
C GLN B 248 25.00 1.56 8.33
N PHE B 249 23.82 1.29 8.89
CA PHE B 249 22.60 1.95 8.39
C PHE B 249 22.76 3.48 8.23
N PHE B 250 23.29 4.14 9.23
CA PHE B 250 23.32 5.59 9.19
C PHE B 250 24.37 6.15 8.22
N ARG B 251 25.37 5.33 7.90
CA ARG B 251 26.42 5.81 7.01
C ARG B 251 25.79 6.17 5.65
N THR B 252 24.93 5.30 5.17
CA THR B 252 24.28 5.48 3.87
C THR B 252 22.96 6.24 3.97
N HIS B 253 22.55 6.63 5.18
CA HIS B 253 21.21 7.19 5.38
C HIS B 253 21.16 8.64 4.97
N GLN B 254 20.09 8.96 4.24
CA GLN B 254 19.78 10.33 3.94
C GLN B 254 18.45 10.59 4.59
N CYS B 255 18.34 11.59 5.44
CA CYS B 255 17.01 11.89 5.95
C CYS B 255 16.18 12.40 4.79
N ASN B 256 14.96 11.88 4.66
CA ASN B 256 14.05 12.29 3.60
C ASN B 256 12.91 13.18 4.17
N ALA B 257 11.88 13.44 3.36
CA ALA B 257 10.82 14.32 3.81
C ALA B 257 9.98 13.73 4.96
N ILE B 258 9.89 12.40 5.02
CA ILE B 258 9.31 11.77 6.17
C ILE B 258 10.17 11.97 7.44
N CYS B 259 11.49 11.78 7.37
CA CYS B 259 12.38 12.08 8.53
C CYS B 259 12.22 13.51 9.03
N GLN B 260 12.07 14.45 8.10
CA GLN B 260 12.00 15.84 8.46
C GLN B 260 10.67 16.15 9.10
N GLY B 261 9.63 15.45 8.64
CA GLY B 261 8.31 15.48 9.26
C GLY B 261 8.29 14.97 10.69
N LEU B 262 9.15 13.99 11.01
CA LEU B 262 9.25 13.49 12.37
C LEU B 262 10.26 14.27 13.20
N HIS B 263 10.96 15.24 12.58
CA HIS B 263 12.01 16.04 13.22
C HIS B 263 13.04 15.18 13.89
N LEU B 264 13.56 14.21 13.13
CA LEU B 264 14.32 13.11 13.72
C LEU B 264 15.74 13.51 13.91
N PRO B 265 16.26 13.45 15.15
CA PRO B 265 17.72 13.71 15.31
C PRO B 265 18.63 12.71 14.57
N LYS B 266 19.78 13.17 14.09
CA LYS B 266 20.61 12.34 13.25
C LYS B 266 21.57 11.56 14.09
N HIS B 267 22.15 10.51 13.53
CA HIS B 267 23.17 9.74 14.22
C HIS B 267 24.51 10.43 13.99
N LYS B 268 25.43 10.38 14.95
CA LYS B 268 26.76 11.02 14.79
C LYS B 268 27.40 10.66 13.45
N GLU B 269 27.04 9.50 12.90
CA GLU B 269 27.69 9.03 11.67
C GLU B 269 26.96 9.32 10.37
N GLN B 270 25.89 10.11 10.43
CA GLN B 270 25.15 10.37 9.23
C GLN B 270 25.88 11.56 8.58
N VAL B 271 26.32 11.36 7.34
CA VAL B 271 27.14 12.37 6.64
C VAL B 271 26.58 12.77 5.27
N LEU B 272 25.62 12.00 4.77
CA LEU B 272 25.03 12.31 3.48
C LEU B 272 24.02 13.48 3.52
N PRO B 273 23.95 14.27 2.43
CA PRO B 273 22.97 15.33 2.42
C PRO B 273 21.55 14.73 2.47
N ASP B 274 20.59 15.48 3.02
CA ASP B 274 19.19 15.12 2.95
C ASP B 274 18.74 14.93 1.52
N TPO B 275 17.58 14.29 1.30
CA TPO B 275 17.05 14.06 -0.03
CB TPO B 275 17.27 12.64 -0.58
CG2 TPO B 275 16.67 11.50 0.26
OG1 TPO B 275 16.75 12.57 -1.91
P TPO B 275 17.59 13.12 -3.21
O1P TPO B 275 19.00 12.66 -2.98
O2P TPO B 275 16.91 12.38 -4.36
O3P TPO B 275 17.33 14.62 -3.29
C TPO B 275 15.59 14.46 -0.04
O TPO B 275 14.88 14.41 0.98
N THR B 276 15.14 14.88 -1.21
CA THR B 276 13.75 15.29 -1.38
C THR B 276 12.94 14.27 -2.17
N LYS B 277 13.59 13.19 -2.65
CA LYS B 277 12.91 12.15 -3.47
C LYS B 277 11.95 11.29 -2.65
N GLY B 278 10.96 10.68 -3.30
CA GLY B 278 10.12 9.70 -2.64
C GLY B 278 8.88 10.25 -1.96
N TPO B 279 8.12 9.37 -1.33
CA TPO B 279 6.86 9.75 -0.66
CB TPO B 279 6.28 8.64 0.23
CG2 TPO B 279 4.89 9.03 0.70
OG1 TPO B 279 6.17 7.44 -0.54
P TPO B 279 7.29 6.28 -0.51
O1P TPO B 279 6.67 5.23 -1.40
O2P TPO B 279 8.60 6.89 -1.02
O3P TPO B 279 7.33 5.89 0.99
C TPO B 279 6.95 11.03 0.11
O TPO B 279 7.85 11.26 0.95
N THR B 280 6.00 11.89 -0.25
CA THR B 280 5.83 13.20 0.30
C THR B 280 5.16 13.12 1.70
N LEU B 281 5.49 14.04 2.61
CA LEU B 281 4.93 14.04 3.95
C LEU B 281 3.39 14.16 3.93
N GLU B 282 2.69 13.23 4.58
CA GLU B 282 1.26 13.36 4.82
C GLU B 282 1.06 14.38 5.96
ZN ZN C . -19.90 22.15 1.64
PB ADP D . -17.09 1.50 -20.37
O1B ADP D . -16.12 2.61 -20.34
O2B ADP D . -17.34 1.12 -21.78
O3B ADP D . -18.34 1.77 -19.56
PA ADP D . -16.04 0.43 -18.06
O1A ADP D . -14.77 0.98 -17.66
O2A ADP D . -17.24 1.04 -17.53
O3A ADP D . -16.25 0.40 -19.61
O5' ADP D . -15.92 -1.06 -17.78
C5' ADP D . -16.99 -1.94 -17.83
C4' ADP D . -16.79 -2.95 -16.74
O4' ADP D . -15.46 -3.14 -16.35
C3' ADP D . -17.36 -2.50 -15.44
O3' ADP D . -18.76 -2.42 -15.39
C2' ADP D . -16.87 -3.61 -14.62
O2' ADP D . -17.73 -4.68 -14.86
C1' ADP D . -15.56 -3.97 -15.24
N9 ADP D . -14.48 -3.86 -14.25
C8 ADP D . -14.34 -4.71 -13.22
N7 ADP D . -13.32 -4.50 -12.44
C5 ADP D . -12.79 -3.44 -12.96
C6 ADP D . -11.65 -2.70 -12.55
N6 ADP D . -11.05 -3.16 -11.48
N1 ADP D . -11.33 -1.67 -13.27
C2 ADP D . -12.09 -1.37 -14.32
N3 ADP D . -13.17 -1.97 -14.80
C4 ADP D . -13.54 -3.02 -14.14
ZN ZN E . 16.48 10.07 8.63
#